data_6YA5
#
_entry.id   6YA5
#
_cell.length_a   74.069
_cell.length_b   74.069
_cell.length_c   127.715
_cell.angle_alpha   90.000
_cell.angle_beta   90.000
_cell.angle_gamma   120.000
#
_symmetry.space_group_name_H-M   'P 64 2 2'
#
loop_
_entity.id
_entity.type
_entity.pdbx_description
1 polymer 'Polymerase acidic protein,Polymerase acidic protein'
2 non-polymer 'MANGANESE (II) ION'
3 non-polymer 'MAGNESIUM ION'
4 non-polymer 2-(3,4-dihydroxyphenyl)-5,7-dihydroxy-4H-chromen-4-one
5 non-polymer 'SULFATE ION'
6 non-polymer 'DIMETHYL SULFOXIDE'
7 non-polymer 'TRIETHYLENE GLYCOL'
8 non-polymer DI(HYDROXYETHYL)ETHER
9 water water
#
_entity_poly.entity_id   1
_entity_poly.type   'polypeptide(L)'
_entity_poly.pdbx_seq_one_letter_code
;GSMEDFVRQCFNPMIVELAEKAMKEYGEDPKIETNKFAAICTHLEVCFMYSDGGSKHRFEIIEGRDRIMAWTVVNSICNT
TGVEKPKFLPDLYDYKENRFIEIGVTRREVHIYYLEKANKIKSEKTHIHIFSFTGEEMATKADYTLDEESRARIKTRLFT
IRQEMASRSLWDSFRQSER
;
_entity_poly.pdbx_strand_id   A
#
loop_
_chem_comp.id
_chem_comp.type
_chem_comp.name
_chem_comp.formula
DMS non-polymer 'DIMETHYL SULFOXIDE' 'C2 H6 O S'
LU2 non-polymer 2-(3,4-dihydroxyphenyl)-5,7-dihydroxy-4H-chromen-4-one 'C15 H10 O6'
MG non-polymer 'MAGNESIUM ION' 'Mg 2'
MN non-polymer 'MANGANESE (II) ION' 'Mn 2'
PEG non-polymer DI(HYDROXYETHYL)ETHER 'C4 H10 O3'
PGE non-polymer 'TRIETHYLENE GLYCOL' 'C6 H14 O4'
SO4 non-polymer 'SULFATE ION' 'O4 S -2'
#
# COMPACT_ATOMS: atom_id res chain seq x y z
N GLY A 1 -7.83 14.16 15.32
CA GLY A 1 -8.95 15.17 15.41
C GLY A 1 -9.12 15.97 14.12
N SER A 2 -8.21 16.91 13.92
CA SER A 2 -8.04 17.57 12.63
C SER A 2 -7.48 16.60 11.58
N MET A 3 -6.68 15.64 12.01
CA MET A 3 -6.28 14.52 11.13
C MET A 3 -7.50 13.73 10.61
N GLU A 4 -8.44 13.39 11.48
CA GLU A 4 -9.67 12.73 11.00
C GLU A 4 -10.34 13.54 9.88
N ASP A 5 -10.53 14.82 10.12
CA ASP A 5 -11.05 15.73 9.08
C ASP A 5 -10.19 15.74 7.80
N PHE A 6 -8.86 15.79 7.97
CA PHE A 6 -7.95 15.73 6.85
C PHE A 6 -8.24 14.49 6.00
N VAL A 7 -8.32 13.34 6.64
CA VAL A 7 -8.54 12.04 5.95
C VAL A 7 -9.84 12.07 5.14
N ARG A 8 -10.90 12.52 5.78
CA ARG A 8 -12.22 12.54 5.14
C ARG A 8 -12.30 13.51 3.97
N GLN A 9 -11.51 14.56 4.01
CA GLN A 9 -11.37 15.51 2.91
C GLN A 9 -10.40 15.06 1.81
N CYS A 10 -9.29 14.42 2.18
CA CYS A 10 -8.22 14.11 1.22
C CYS A 10 -8.44 12.85 0.38
N PHE A 11 -9.12 11.85 0.95
CA PHE A 11 -9.21 10.51 0.30
C PHE A 11 -10.62 10.23 -0.19
N ASN A 12 -10.74 9.48 -1.26
CA ASN A 12 -12.03 9.13 -1.82
C ASN A 12 -12.86 8.34 -0.75
N PRO A 13 -14.21 8.54 -0.70
CA PRO A 13 -14.99 7.83 0.36
C PRO A 13 -14.91 6.29 0.33
N MET A 14 -14.60 5.72 -0.82
CA MET A 14 -14.47 4.26 -0.94
C MET A 14 -13.27 3.83 -0.11
N ILE A 15 -12.15 4.56 -0.31
CA ILE A 15 -10.92 4.34 0.45
C ILE A 15 -11.17 4.54 1.94
N VAL A 16 -11.79 5.65 2.30
CA VAL A 16 -11.97 5.95 3.71
C VAL A 16 -12.84 4.85 4.40
N GLU A 17 -13.89 4.42 3.71
CA GLU A 17 -14.82 3.44 4.28
C GLU A 17 -14.06 2.13 4.49
N LEU A 18 -13.28 1.72 3.49
CA LEU A 18 -12.43 0.51 3.62
C LEU A 18 -11.52 0.53 4.83
N ALA A 19 -10.80 1.63 4.97
CA ALA A 19 -9.87 1.81 6.07
C ALA A 19 -10.54 1.75 7.43
N GLU A 20 -11.71 2.38 7.58
CA GLU A 20 -12.50 2.37 8.81
C GLU A 20 -12.85 0.92 9.21
N LYS A 21 -13.37 0.17 8.26
CA LYS A 21 -13.71 -1.22 8.46
C LYS A 21 -12.47 -2.03 8.87
N ALA A 22 -11.38 -1.85 8.13
CA ALA A 22 -10.17 -2.60 8.38
C ALA A 22 -9.70 -2.43 9.78
N MET A 23 -9.64 -1.18 10.25
CA MET A 23 -9.22 -0.85 11.59
C MET A 23 -10.12 -1.43 12.68
N LYS A 24 -11.42 -1.36 12.44
CA LYS A 24 -12.41 -1.86 13.41
C LYS A 24 -12.27 -3.38 13.59
N GLU A 25 -11.93 -4.06 12.51
CA GLU A 25 -11.66 -5.49 12.56
C GLU A 25 -10.47 -5.88 13.42
N TYR A 26 -9.64 -4.91 13.79
CA TYR A 26 -8.52 -5.15 14.69
C TYR A 26 -8.75 -4.49 15.99
N GLY A 27 -9.99 -4.03 16.24
CA GLY A 27 -10.32 -3.41 17.50
C GLY A 27 -9.85 -1.98 17.69
N GLU A 28 -9.49 -1.32 16.57
CA GLU A 28 -8.95 0.04 16.60
C GLU A 28 -9.99 0.99 16.08
N ASP A 29 -10.04 2.17 16.67
CA ASP A 29 -11.08 3.17 16.37
C ASP A 29 -10.43 4.23 15.47
N PRO A 30 -10.94 4.39 14.24
CA PRO A 30 -10.50 5.45 13.33
C PRO A 30 -10.52 6.86 13.97
N LYS A 31 -11.51 7.13 14.80
CA LYS A 31 -11.68 8.45 15.45
C LYS A 31 -10.69 8.68 16.55
N ILE A 32 -9.89 7.66 16.91
CA ILE A 32 -8.88 7.73 17.97
C ILE A 32 -7.46 7.57 17.44
N GLU A 33 -7.22 6.52 16.68
CA GLU A 33 -5.93 6.33 16.04
C GLU A 33 -5.95 6.92 14.61
N THR A 34 -6.06 8.25 14.60
CA THR A 34 -6.22 9.00 13.37
C THR A 34 -5.00 8.97 12.46
N ASN A 35 -3.80 8.76 13.04
CA ASN A 35 -2.58 8.67 12.22
C ASN A 35 -2.51 7.34 11.48
N LYS A 36 -2.81 6.27 12.21
CA LYS A 36 -3.03 4.96 11.62
C LYS A 36 -4.09 5.02 10.51
N PHE A 37 -5.20 5.68 10.79
CA PHE A 37 -6.28 5.89 9.82
C PHE A 37 -5.78 6.52 8.52
N ALA A 38 -5.03 7.60 8.63
CA ALA A 38 -4.39 8.22 7.45
C ALA A 38 -3.41 7.30 6.78
N ALA A 39 -2.60 6.59 7.54
CA ALA A 39 -1.60 5.72 6.92
C ALA A 39 -2.25 4.59 6.10
N ILE A 40 -3.33 4.04 6.63
CA ILE A 40 -4.03 2.93 5.97
C ILE A 40 -4.67 3.46 4.70
N CYS A 41 -5.26 4.64 4.79
CA CYS A 41 -5.88 5.26 3.62
C CYS A 41 -4.84 5.48 2.49
N THR A 42 -3.65 5.89 2.87
CA THR A 42 -2.59 6.21 1.89
C THR A 42 -2.12 4.97 1.20
N HIS A 43 -1.87 3.92 2.00
CA HIS A 43 -1.41 2.67 1.46
C HIS A 43 -2.40 2.06 0.47
N LEU A 44 -3.67 2.07 0.83
CA LEU A 44 -4.73 1.61 -0.10
C LEU A 44 -4.76 2.42 -1.40
N GLU A 45 -4.69 3.74 -1.27
CA GLU A 45 -4.66 4.60 -2.44
C GLU A 45 -3.51 4.32 -3.34
N VAL A 46 -2.33 4.10 -2.75
CA VAL A 46 -1.14 3.68 -3.51
C VAL A 46 -1.33 2.34 -4.22
N CYS A 47 -1.88 1.33 -3.54
CA CYS A 47 -2.22 0.06 -4.20
C CYS A 47 -3.14 0.28 -5.45
N PHE A 48 -4.19 1.09 -5.32
CA PHE A 48 -5.08 1.39 -6.46
C PHE A 48 -4.38 2.12 -7.61
N MET A 49 -3.71 3.23 -7.31
CA MET A 49 -2.79 3.88 -8.30
C MET A 49 -1.81 2.95 -8.96
N TYR A 50 -1.16 2.10 -8.17
CA TYR A 50 -0.17 1.20 -8.73
C TYR A 50 -0.81 0.23 -9.75
N SER A 51 -1.99 -0.27 -9.40
CA SER A 51 -2.73 -1.23 -10.19
C SER A 51 -3.19 -0.59 -11.52
N ASP A 52 -3.43 0.72 -11.54
CA ASP A 52 -3.71 1.48 -12.79
C ASP A 52 -2.49 1.99 -13.55
N GLY A 53 -1.29 1.61 -13.17
CA GLY A 53 -0.08 2.20 -13.76
C GLY A 53 0.49 1.51 -14.97
N GLY A 54 -0.06 0.36 -15.34
CA GLY A 54 0.41 -0.37 -16.57
C GLY A 54 -0.75 -0.54 -17.53
N SER A 55 -0.71 -1.64 -18.28
CA SER A 55 -1.83 -2.01 -19.18
C SER A 55 -3.14 -2.29 -18.43
N LYS A 56 -4.27 -2.04 -19.11
CA LYS A 56 -5.60 -2.46 -18.66
C LYS A 56 -5.55 -3.91 -18.13
N HIS A 57 -5.99 -4.11 -16.88
CA HIS A 57 -5.97 -5.43 -16.22
C HIS A 57 -4.61 -6.20 -16.23
N ARG A 58 -3.48 -5.47 -16.24
CA ARG A 58 -2.20 -6.11 -15.94
C ARG A 58 -2.11 -6.67 -14.45
N PHE A 59 -2.79 -5.99 -13.54
CA PHE A 59 -2.69 -6.28 -12.10
C PHE A 59 -4.00 -6.77 -11.53
N GLU A 60 -3.96 -7.82 -10.71
CA GLU A 60 -5.07 -8.13 -9.81
CA GLU A 60 -5.08 -8.06 -9.80
C GLU A 60 -4.77 -7.43 -8.46
N ILE A 61 -5.75 -6.71 -7.94
CA ILE A 61 -5.72 -6.10 -6.65
C ILE A 61 -6.10 -7.16 -5.62
N ILE A 62 -5.31 -7.25 -4.56
CA ILE A 62 -5.61 -8.17 -3.44
C ILE A 62 -5.87 -7.38 -2.14
N GLU A 63 -5.05 -6.36 -1.88
CA GLU A 63 -5.34 -5.42 -0.78
C GLU A 63 -6.72 -4.83 -0.95
N GLY A 64 -7.40 -4.58 0.16
CA GLY A 64 -8.71 -3.98 0.21
C GLY A 64 -9.87 -5.01 0.15
N ARG A 65 -9.72 -6.15 -0.51
CA ARG A 65 -10.70 -7.29 -0.59
C ARG A 65 -10.90 -7.96 0.74
N ASP A 66 -12.14 -8.39 0.98
CA ASP A 66 -12.48 -9.19 2.17
C ASP A 66 -11.66 -10.46 2.04
N ARG A 67 -11.37 -11.07 3.19
CA ARG A 67 -10.43 -12.16 3.27
C ARG A 67 -10.76 -13.32 2.32
N ILE A 68 -12.04 -13.74 2.33
CA ILE A 68 -12.46 -14.85 1.45
C ILE A 68 -12.11 -14.53 -0.03
N MET A 69 -12.51 -13.35 -0.47
CA MET A 69 -12.22 -12.97 -1.89
C MET A 69 -10.75 -12.83 -2.21
N ALA A 70 -9.98 -12.27 -1.24
CA ALA A 70 -8.56 -12.18 -1.38
C ALA A 70 -7.90 -13.52 -1.57
N TRP A 71 -8.26 -14.47 -0.72
CA TRP A 71 -7.65 -15.79 -0.82
C TRP A 71 -8.19 -16.50 -2.05
N THR A 72 -9.42 -16.17 -2.42
CA THR A 72 -9.97 -16.76 -3.70
C THR A 72 -9.05 -16.39 -4.88
N VAL A 73 -8.74 -15.08 -4.98
CA VAL A 73 -7.84 -14.52 -6.01
C VAL A 73 -6.48 -15.24 -5.94
N VAL A 74 -5.91 -15.32 -4.74
CA VAL A 74 -4.56 -15.85 -4.53
C VAL A 74 -4.42 -17.36 -4.81
N ASN A 75 -5.32 -18.15 -4.20
CA ASN A 75 -5.38 -19.62 -4.46
C ASN A 75 -5.63 -19.91 -5.95
N SER A 76 -6.61 -19.23 -6.54
CA SER A 76 -6.88 -19.33 -7.96
C SER A 76 -5.59 -19.13 -8.80
N ILE A 77 -4.94 -17.97 -8.60
CA ILE A 77 -3.64 -17.65 -9.25
C ILE A 77 -2.51 -18.68 -9.05
N CYS A 78 -2.28 -19.12 -7.82
CA CYS A 78 -1.29 -20.17 -7.54
C CYS A 78 -1.69 -21.49 -8.25
N ASN A 79 -3.01 -21.70 -8.39
CA ASN A 79 -3.56 -22.87 -9.06
C ASN A 79 -3.32 -22.79 -10.58
N THR A 80 -3.69 -21.67 -11.18
CA THR A 80 -3.54 -21.48 -12.62
C THR A 80 -2.12 -21.17 -13.10
N THR A 81 -1.20 -20.77 -12.21
CA THR A 81 0.19 -20.46 -12.64
C THR A 81 1.23 -21.38 -12.04
N GLY A 82 0.84 -22.18 -11.06
CA GLY A 82 1.79 -22.95 -10.27
C GLY A 82 2.70 -22.16 -9.35
N VAL A 83 2.50 -20.83 -9.25
CA VAL A 83 3.33 -19.93 -8.43
C VAL A 83 3.05 -20.23 -6.95
N GLU A 84 4.07 -20.17 -6.10
CA GLU A 84 3.93 -20.59 -4.69
C GLU A 84 2.91 -19.72 -3.91
N LYS A 85 2.12 -20.38 -3.06
CA LYS A 85 1.07 -19.75 -2.27
C LYS A 85 1.68 -19.05 -1.05
N PRO A 86 1.49 -17.71 -0.94
CA PRO A 86 2.10 -16.99 0.20
C PRO A 86 1.42 -17.30 1.53
N LYS A 87 2.15 -17.14 2.62
CA LYS A 87 1.63 -17.34 3.96
C LYS A 87 0.69 -16.18 4.38
N PHE A 88 0.91 -14.99 3.84
CA PHE A 88 0.16 -13.78 4.16
C PHE A 88 -0.35 -13.20 2.85
N LEU A 89 -1.50 -12.56 2.89
CA LEU A 89 -2.01 -11.91 1.74
C LEU A 89 -1.06 -10.78 1.25
N PRO A 90 -0.64 -10.83 -0.04
CA PRO A 90 0.06 -9.71 -0.65
C PRO A 90 -0.88 -8.64 -1.08
N ASP A 91 -0.35 -7.60 -1.74
CA ASP A 91 -1.17 -6.47 -2.16
C ASP A 91 -1.69 -6.55 -3.59
N LEU A 92 -0.91 -7.12 -4.51
CA LEU A 92 -1.30 -7.30 -5.90
C LEU A 92 -0.67 -8.54 -6.50
N TYR A 93 -1.19 -8.91 -7.67
CA TYR A 93 -0.52 -9.89 -8.57
C TYR A 93 -0.23 -9.23 -9.94
N ASP A 94 1.00 -9.40 -10.40
CA ASP A 94 1.43 -8.90 -11.68
C ASP A 94 1.32 -10.06 -12.70
N TYR A 95 0.33 -9.98 -13.58
CA TYR A 95 0.18 -10.94 -14.71
C TYR A 95 1.32 -10.93 -15.72
N LYS A 96 1.91 -9.75 -16.00
CA LYS A 96 3.00 -9.65 -16.96
C LYS A 96 4.23 -10.36 -16.41
N GLU A 97 4.65 -10.02 -15.20
CA GLU A 97 5.87 -10.64 -14.60
C GLU A 97 5.61 -11.97 -13.88
N ASN A 98 4.35 -12.31 -13.68
CA ASN A 98 3.93 -13.51 -12.96
C ASN A 98 4.56 -13.65 -11.58
N ARG A 99 4.20 -12.68 -10.75
CA ARG A 99 4.65 -12.64 -9.38
C ARG A 99 3.70 -11.77 -8.58
N PHE A 100 3.51 -12.13 -7.31
CA PHE A 100 2.80 -11.27 -6.35
C PHE A 100 3.69 -10.06 -5.98
N ILE A 101 3.03 -9.00 -5.58
CA ILE A 101 3.69 -7.75 -5.12
C ILE A 101 3.20 -7.35 -3.74
N GLU A 102 4.16 -7.10 -2.85
CA GLU A 102 3.92 -6.36 -1.60
C GLU A 102 4.32 -4.87 -1.73
N ILE A 103 3.37 -3.98 -1.50
CA ILE A 103 3.58 -2.55 -1.53
C ILE A 103 3.79 -2.02 -0.12
N GLY A 104 4.86 -1.27 0.09
CA GLY A 104 5.13 -0.59 1.38
C GLY A 104 5.08 0.91 1.21
N VAL A 105 4.36 1.62 2.06
CA VAL A 105 4.46 3.09 2.15
C VAL A 105 4.99 3.45 3.55
N THR A 106 6.05 4.26 3.58
CA THR A 106 6.74 4.55 4.83
C THR A 106 7.07 6.04 5.01
N ARG A 107 7.00 6.51 6.24
CA ARG A 107 7.49 7.82 6.63
C ARG A 107 8.97 7.81 6.94
N ARG A 108 9.51 6.64 7.24
CA ARG A 108 10.89 6.46 7.61
C ARG A 108 11.70 6.20 6.37
N GLU A 109 12.89 5.70 6.57
CA GLU A 109 13.78 5.37 5.47
C GLU A 109 13.32 4.07 4.77
N VAL A 110 13.39 4.06 3.43
CA VAL A 110 12.88 2.95 2.60
C VAL A 110 13.62 1.63 2.79
N HIS A 111 14.92 1.71 3.04
CA HIS A 111 15.77 0.53 3.22
C HIS A 111 15.38 -0.22 4.46
N ILE A 112 15.06 0.52 5.51
CA ILE A 112 14.62 -0.09 6.79
C ILE A 112 13.32 -0.88 6.58
N TYR A 113 12.30 -0.22 6.03
CA TYR A 113 11.01 -0.88 5.76
C TYR A 113 11.12 -2.02 4.72
N TYR A 114 11.98 -1.85 3.73
CA TYR A 114 12.25 -2.92 2.79
C TYR A 114 12.71 -4.21 3.47
N LEU A 115 13.59 -4.08 4.45
CA LEU A 115 14.16 -5.23 5.14
C LEU A 115 13.15 -5.89 6.08
N GLU A 116 12.33 -5.08 6.75
CA GLU A 116 11.24 -5.58 7.56
C GLU A 116 10.25 -6.42 6.80
N LYS A 117 9.79 -5.90 5.68
CA LYS A 117 8.94 -6.65 4.75
C LYS A 117 9.55 -7.93 4.23
N ALA A 118 10.76 -7.81 3.69
CA ALA A 118 11.57 -8.95 3.22
C ALA A 118 11.62 -10.11 4.22
N ASN A 119 11.91 -9.80 5.48
CA ASN A 119 12.16 -10.85 6.46
C ASN A 119 10.88 -11.30 7.15
N LYS A 120 9.79 -10.60 6.88
CA LYS A 120 8.46 -11.07 7.27
C LYS A 120 7.86 -12.01 6.24
N ILE A 121 8.05 -11.65 4.97
CA ILE A 121 7.46 -12.33 3.80
C ILE A 121 7.67 -13.85 3.76
N LYS A 122 8.92 -14.28 3.94
CA LYS A 122 9.31 -15.70 3.79
C LYS A 122 9.26 -16.20 2.32
N SER A 123 8.14 -15.99 1.63
CA SER A 123 8.01 -16.34 0.20
C SER A 123 9.16 -15.75 -0.62
N GLU A 124 9.98 -16.62 -1.19
CA GLU A 124 11.09 -16.19 -2.03
C GLU A 124 10.71 -15.46 -3.31
N LYS A 125 9.47 -15.61 -3.79
CA LYS A 125 9.03 -15.11 -5.12
C LYS A 125 8.28 -13.78 -5.15
N THR A 126 7.76 -13.34 -4.01
CA THR A 126 6.91 -12.14 -3.95
C THR A 126 7.79 -10.90 -4.08
N HIS A 127 7.49 -10.01 -5.03
CA HIS A 127 8.23 -8.76 -5.24
C HIS A 127 7.85 -7.72 -4.15
N ILE A 128 8.80 -6.95 -3.67
CA ILE A 128 8.54 -5.86 -2.72
C ILE A 128 8.83 -4.53 -3.39
N HIS A 129 7.93 -3.55 -3.23
CA HIS A 129 8.11 -2.18 -3.75
C HIS A 129 7.71 -1.22 -2.65
N ILE A 130 8.65 -0.40 -2.21
CA ILE A 130 8.48 0.52 -1.07
C ILE A 130 8.51 1.93 -1.59
N PHE A 131 7.57 2.78 -1.15
CA PHE A 131 7.55 4.22 -1.39
C PHE A 131 7.64 4.98 -0.09
N SER A 132 8.36 6.10 -0.12
CA SER A 132 8.31 7.09 0.95
C SER A 132 7.47 8.28 0.54
N PHE A 133 7.14 9.11 1.53
CA PHE A 133 6.47 10.41 1.29
C PHE A 133 7.41 11.55 0.74
N THR A 134 8.70 11.31 0.68
CA THR A 134 9.66 12.32 0.24
C THR A 134 10.30 11.89 -1.05
N GLY A 135 9.61 11.03 -1.80
CA GLY A 135 9.97 10.73 -3.18
C GLY A 135 10.96 9.61 -3.40
N GLU A 136 11.33 8.88 -2.36
CA GLU A 136 12.20 7.73 -2.53
C GLU A 136 11.37 6.48 -2.90
N GLU A 137 12.02 5.54 -3.55
CA GLU A 137 11.44 4.23 -3.80
C GLU A 137 12.52 3.14 -3.78
N MET A 138 12.07 1.94 -3.50
CA MET A 138 12.96 0.82 -3.45
C MET A 138 12.20 -0.47 -3.75
N ALA A 139 12.77 -1.27 -4.64
CA ALA A 139 12.11 -2.47 -5.10
C ALA A 139 13.10 -3.63 -5.16
N THR A 140 12.53 -4.84 -5.09
CA THR A 140 13.29 -6.07 -5.19
C THR A 140 14.13 -6.08 -6.47
N LYS A 141 15.41 -6.47 -6.35
CA LYS A 141 16.37 -6.59 -7.48
C LYS A 141 16.49 -5.30 -8.28
N ALA A 142 16.18 -4.17 -7.63
CA ALA A 142 15.93 -2.84 -8.27
C ALA A 142 15.11 -2.90 -9.56
N ASP A 143 14.09 -3.76 -9.55
CA ASP A 143 13.11 -3.82 -10.59
C ASP A 143 11.81 -3.16 -10.09
N TYR A 144 11.49 -2.01 -10.71
CA TYR A 144 10.44 -1.09 -10.28
C TYR A 144 9.10 -1.34 -10.94
N THR A 145 9.05 -2.37 -11.79
CA THR A 145 7.82 -2.90 -12.34
C THR A 145 7.09 -1.99 -13.29
N LEU A 146 6.72 -0.80 -12.84
CA LEU A 146 6.06 0.21 -13.67
C LEU A 146 7.08 1.16 -14.35
N ASP A 147 6.58 1.94 -15.30
CA ASP A 147 7.38 2.95 -15.99
C ASP A 147 7.62 4.12 -15.04
N GLU A 148 8.60 4.98 -15.36
CA GLU A 148 8.92 6.15 -14.53
C GLU A 148 7.75 7.08 -14.35
N GLU A 149 6.94 7.26 -15.39
CA GLU A 149 5.82 8.23 -15.26
C GLU A 149 4.72 7.81 -14.26
N SER A 150 4.46 6.49 -14.19
CA SER A 150 3.45 5.96 -13.29
C SER A 150 3.98 6.07 -11.88
N ARG A 151 5.21 5.64 -11.65
CA ARG A 151 5.85 5.84 -10.36
C ARG A 151 5.93 7.30 -9.91
N ALA A 152 6.17 8.22 -10.85
CA ALA A 152 6.22 9.65 -10.53
C ALA A 152 4.87 10.17 -10.06
N ARG A 153 3.78 9.69 -10.67
CA ARG A 153 2.45 10.00 -10.17
C ARG A 153 2.22 9.61 -8.68
N ILE A 154 2.63 8.42 -8.30
CA ILE A 154 2.54 7.95 -6.90
C ILE A 154 3.41 8.80 -5.98
N LYS A 155 4.66 8.98 -6.39
CA LYS A 155 5.60 9.74 -5.59
C LYS A 155 5.12 11.18 -5.33
N THR A 156 4.55 11.80 -6.35
CA THR A 156 4.04 13.16 -6.25
C THR A 156 2.77 13.23 -5.43
N ARG A 157 1.90 12.23 -5.57
CA ARG A 157 0.70 12.15 -4.73
C ARG A 157 1.11 12.11 -3.28
N LEU A 158 2.06 11.24 -3.00
CA LEU A 158 2.57 11.10 -1.62
C LEU A 158 3.22 12.38 -1.09
N PHE A 159 3.96 13.06 -1.96
CA PHE A 159 4.56 14.36 -1.58
C PHE A 159 3.47 15.39 -1.26
N THR A 160 2.47 15.47 -2.12
CA THR A 160 1.33 16.41 -1.94
C THR A 160 0.60 16.13 -0.66
N ILE A 161 0.42 14.84 -0.33
CA ILE A 161 -0.22 14.48 0.96
C ILE A 161 0.58 15.00 2.15
N ARG A 162 1.87 14.72 2.12
CA ARG A 162 2.77 15.19 3.18
C ARG A 162 2.76 16.73 3.32
N GLN A 163 2.77 17.43 2.19
CA GLN A 163 2.71 18.92 2.17
C GLN A 163 1.41 19.43 2.73
N GLU A 164 0.31 18.74 2.39
CA GLU A 164 -0.98 19.13 2.88
C GLU A 164 -1.07 18.91 4.39
N MET A 165 -0.54 17.79 4.85
CA MET A 165 -0.54 17.54 6.29
C MET A 165 0.29 18.57 7.03
N ALA A 166 1.44 18.91 6.46
CA ALA A 166 2.36 19.93 7.02
C ALA A 166 1.66 21.30 7.10
N SER A 167 0.99 21.67 6.01
CA SER A 167 0.17 22.87 5.95
C SER A 167 -0.77 22.99 7.17
N ARG A 168 -1.31 21.86 7.62
CA ARG A 168 -2.26 21.85 8.70
C ARG A 168 -1.62 21.46 9.99
N SER A 169 -0.30 21.36 10.02
CA SER A 169 0.42 21.09 11.25
C SER A 169 0.18 19.67 11.79
N LEU A 170 -0.15 18.75 10.90
CA LEU A 170 -0.35 17.34 11.27
C LEU A 170 0.83 16.45 10.94
N TRP A 171 1.76 16.92 10.11
CA TRP A 171 2.80 16.05 9.58
C TRP A 171 3.74 15.55 10.62
N ASP A 172 3.99 16.35 11.65
CA ASP A 172 5.04 15.99 12.61
C ASP A 172 4.58 14.76 13.37
N SER A 173 3.41 14.88 14.00
CA SER A 173 2.81 13.76 14.72
C SER A 173 2.69 12.49 13.84
N PHE A 174 2.22 12.66 12.61
CA PHE A 174 2.06 11.53 11.67
C PHE A 174 3.33 10.76 11.47
N ARG A 175 4.39 11.50 11.13
CA ARG A 175 5.74 10.96 10.91
C ARG A 175 6.24 10.19 12.13
N GLN A 176 6.05 10.77 13.31
CA GLN A 176 6.65 10.20 14.52
C GLN A 176 5.88 8.94 14.93
N SER A 177 4.57 8.96 14.68
CA SER A 177 3.69 7.84 15.06
C SER A 177 4.03 6.52 14.38
N GLU A 178 4.72 6.52 13.22
CA GLU A 178 5.04 5.23 12.55
C GLU A 178 5.99 4.40 13.45
N ARG A 179 5.63 3.14 13.70
CA ARG A 179 6.35 2.28 14.64
C ARG A 179 7.17 1.23 13.92
MN MN B . 1.40 -3.56 1.72
MG MG C . -1.54 -5.70 2.18
C1 LU2 D . -2.78 -2.05 10.62
O1 LU2 D . -3.36 -1.52 12.82
C2 LU2 D . -3.77 -1.77 11.55
O2 LU2 D . -6.75 -1.87 9.48
C3 LU2 D . -5.12 -1.73 11.16
O3 LU2 D . -5.90 -2.56 7.02
C4 LU2 D . -5.46 -1.97 9.83
O4 LU2 D . -2.13 -2.59 8.43
C5 LU2 D . -4.47 -2.27 8.89
O5 LU2 D . -0.31 -4.26 3.04
C6 LU2 D . -3.13 -2.28 9.31
O6 LU2 D . 2.01 -2.89 3.77
C7 LU2 D . -4.74 -2.55 7.41
C8 LU2 D . -3.74 -2.78 6.61
C9 LU2 D . -2.42 -2.82 7.12
C10 LU2 D . -1.24 -2.90 6.26
C11 LU2 D . -1.32 -3.57 5.05
C12 LU2 D . -0.22 -3.60 4.23
C13 LU2 D . 0.95 -2.93 4.62
C14 LU2 D . 1.02 -2.31 5.85
C15 LU2 D . -0.06 -2.29 6.68
S SO4 E . -6.73 -11.62 11.10
O1 SO4 E . -7.79 -12.56 11.57
O2 SO4 E . -6.18 -12.10 9.81
O3 SO4 E . -7.34 -10.29 10.95
O4 SO4 E . -5.66 -11.55 12.12
S SO4 F . -9.12 -6.28 5.05
O1 SO4 F . -8.43 -7.57 5.33
O2 SO4 F . -10.56 -6.57 4.76
O3 SO4 F . -8.56 -5.61 3.84
O4 SO4 F . -8.95 -5.36 6.20
S DMS G . 2.21 -7.42 4.69
O DMS G . 1.37 -6.33 5.28
C1 DMS G . 3.79 -7.47 5.32
C2 DMS G . 1.71 -8.98 5.20
C1 PGE H . -11.93 1.13 -2.52
O1 PGE H . -11.91 1.71 -3.84
C2 PGE H . -12.66 -0.22 -2.36
O2 PGE H . -11.70 -1.32 -2.44
C3 PGE H . -12.25 -2.65 -2.54
C4 PGE H . -11.37 -3.62 -3.38
O4 PGE H . -13.28 -4.36 -7.32
O4 PGE H . -12.62 -0.43 -7.06
C6 PGE H . -11.92 -4.03 -6.97
C6 PGE H . -12.10 -0.80 -5.75
C5 PGE H . -11.97 -3.19 -5.73
C5 PGE H . -12.40 -2.26 -5.33
O3 PGE H . -11.12 -3.78 -4.77
O3 PGE H . -11.38 -3.19 -4.78
C1 PEG I . -0.71 12.68 -8.38
O1 PEG I . 0.36 11.93 -8.95
C2 PEG I . -0.07 13.70 -7.48
O2 PEG I . -0.94 14.75 -7.17
C3 PEG I . -1.11 15.12 -5.83
C4 PEG I . -2.58 14.88 -5.62
O4 PEG I . -2.92 15.46 -4.40
#